data_5MK4
#
_entry.id   5MK4
#
_cell.length_a   71.699
_cell.length_b   74.140
_cell.length_c   99.210
_cell.angle_alpha   90.000
_cell.angle_beta   90.000
_cell.angle_gamma   90.000
#
_symmetry.space_group_name_H-M   'P 21 21 21'
#
loop_
_entity.id
_entity.type
_entity.pdbx_description
1 polymer 'Retinoic acid receptor RXR-alpha'
2 polymer 'Nuclear receptor coactivator 2'
3 non-polymer '(~{E})-3-[3-(2-methyl-5-phenyl-phenyl)-4-oxidanyl-phenyl]prop-2-enoic acid'
4 non-polymer 'CHLORIDE ION'
5 water water
#
loop_
_entity_poly.entity_id
_entity_poly.type
_entity_poly.pdbx_seq_one_letter_code
_entity_poly.pdbx_strand_id
1 'polypeptide(L)'
;DMPVERILEAELAVEPKTETYVEANMGLNPSSPNDPVTNICQAADKQLFTLVEWAKRIPHFSELPLDDQVILLRAGWNEL
LIASFSHRSIAVKDGILLATGLHVHRNSAHSAGVGAIFDRVLTELVSKMRDMQMDKTELGCLRAIVLFNPDSKGLSNPAE
VEALREKVYASLEAYCKHKYPEQPGRFAKLLLRLPALRSIGLKCLEHLFFFKLIGDTPIDTFLMEMLEA
;
A,C
2 'polypeptide(L)' KHKILHRLLQD B,D
#
# COMPACT_ATOMS: atom_id res chain seq x y z
N ASP A 1 -2.94 -21.21 -16.85
CA ASP A 1 -4.04 -21.57 -15.95
C ASP A 1 -3.66 -21.40 -14.48
N MET A 2 -4.61 -20.99 -13.64
CA MET A 2 -4.32 -20.62 -12.24
C MET A 2 -5.51 -21.02 -11.39
N PRO A 3 -5.71 -22.33 -11.19
CA PRO A 3 -6.95 -22.79 -10.54
C PRO A 3 -6.95 -22.40 -9.07
N VAL A 4 -8.04 -21.75 -8.65
CA VAL A 4 -8.11 -21.30 -7.28
C VAL A 4 -8.04 -22.47 -6.32
N GLU A 5 -8.40 -23.67 -6.79
CA GLU A 5 -8.35 -24.83 -5.91
C GLU A 5 -6.93 -25.19 -5.51
N ARG A 6 -5.97 -25.04 -6.43
N ARG A 6 -5.96 -25.01 -6.41
CA ARG A 6 -4.58 -25.31 -6.06
CA ARG A 6 -4.59 -25.33 -6.05
C ARG A 6 -4.12 -24.34 -4.99
C ARG A 6 -4.04 -24.31 -5.05
N ILE A 7 -4.56 -23.09 -5.07
CA ILE A 7 -4.10 -22.09 -4.12
C ILE A 7 -4.63 -22.39 -2.73
N LEU A 8 -5.90 -22.79 -2.61
CA LEU A 8 -6.41 -23.23 -1.32
C LEU A 8 -5.63 -24.44 -0.83
N GLU A 9 -5.33 -25.39 -1.73
CA GLU A 9 -4.52 -26.54 -1.36
C GLU A 9 -3.20 -26.11 -0.73
N ALA A 10 -2.54 -25.10 -1.32
CA ALA A 10 -1.30 -24.60 -0.76
C ALA A 10 -1.50 -24.04 0.65
N GLU A 11 -2.57 -23.28 0.87
CA GLU A 11 -2.84 -22.77 2.23
C GLU A 11 -3.04 -23.91 3.23
N LEU A 12 -3.93 -24.84 2.90
CA LEU A 12 -4.25 -25.89 3.85
C LEU A 12 -3.06 -26.79 4.13
N ALA A 13 -2.10 -26.87 3.20
CA ALA A 13 -0.98 -27.77 3.37
C ALA A 13 0.02 -27.27 4.39
N VAL A 14 0.05 -25.95 4.65
CA VAL A 14 1.06 -25.38 5.53
C VAL A 14 0.46 -24.82 6.81
N GLU A 15 -0.83 -24.56 6.87
CA GLU A 15 -1.40 -23.81 7.99
C GLU A 15 -2.47 -24.64 8.70
N SER A 31 5.00 -12.25 32.95
CA SER A 31 4.85 -11.78 31.58
C SER A 31 5.87 -10.66 31.26
N SER A 32 7.06 -11.09 30.87
CA SER A 32 8.15 -10.15 30.63
C SER A 32 7.84 -9.28 29.42
N PRO A 33 8.15 -7.99 29.49
CA PRO A 33 8.12 -7.14 28.29
C PRO A 33 8.94 -7.71 27.14
N ASN A 34 9.84 -8.65 27.42
CA ASN A 34 10.75 -9.25 26.45
C ASN A 34 10.18 -10.47 25.71
N ASP A 35 9.04 -11.00 26.14
CA ASP A 35 8.50 -12.18 25.50
C ASP A 35 8.04 -11.93 24.07
N PRO A 36 7.32 -10.83 23.81
CA PRO A 36 6.76 -10.63 22.46
C PRO A 36 7.82 -10.53 21.38
N VAL A 37 8.92 -9.81 21.63
CA VAL A 37 9.95 -9.66 20.60
C VAL A 37 10.67 -10.98 20.37
N THR A 38 11.07 -11.65 21.45
CA THR A 38 11.64 -12.99 21.35
C THR A 38 10.76 -13.91 20.51
N ASN A 39 9.45 -13.91 20.79
CA ASN A 39 8.53 -14.79 20.08
C ASN A 39 8.29 -14.35 18.65
N ILE A 40 8.23 -13.04 18.40
CA ILE A 40 8.13 -12.54 17.02
C ILE A 40 9.29 -13.04 16.17
N CYS A 41 10.53 -12.90 16.67
CA CYS A 41 11.67 -13.35 15.87
C CYS A 41 11.66 -14.86 15.65
N GLN A 42 11.39 -15.63 16.70
CA GLN A 42 11.34 -17.08 16.55
C GLN A 42 10.24 -17.49 15.58
N ALA A 43 9.09 -16.83 15.67
CA ALA A 43 7.95 -17.14 14.82
C ALA A 43 8.22 -16.80 13.34
N ALA A 44 8.78 -15.63 13.06
CA ALA A 44 9.04 -15.24 11.68
C ALA A 44 10.04 -16.19 11.03
N ASP A 45 11.09 -16.56 11.77
CA ASP A 45 12.08 -17.47 11.21
C ASP A 45 11.44 -18.82 10.92
N LYS A 46 10.67 -19.34 11.88
CA LYS A 46 9.97 -20.61 11.69
C LYS A 46 9.11 -20.58 10.42
N GLN A 47 8.34 -19.51 10.24
CA GLN A 47 7.39 -19.48 9.13
C GLN A 47 8.06 -19.23 7.78
N LEU A 48 9.28 -18.71 7.76
CA LEU A 48 10.00 -18.62 6.49
C LEU A 48 10.22 -19.99 5.84
N PHE A 49 10.59 -21.00 6.65
CA PHE A 49 10.77 -22.33 6.06
C PHE A 49 9.45 -22.84 5.49
N THR A 50 8.36 -22.65 6.21
CA THR A 50 7.04 -23.06 5.73
C THR A 50 6.62 -22.26 4.51
N LEU A 51 6.99 -20.97 4.48
CA LEU A 51 6.63 -20.13 3.34
C LEU A 51 7.23 -20.67 2.05
N VAL A 52 8.44 -21.22 2.10
CA VAL A 52 9.02 -21.74 0.87
C VAL A 52 8.19 -22.90 0.34
N GLU A 53 7.79 -23.81 1.22
CA GLU A 53 6.95 -24.92 0.78
C GLU A 53 5.61 -24.42 0.24
N TRP A 54 5.03 -23.40 0.88
CA TRP A 54 3.83 -22.79 0.32
C TRP A 54 4.06 -22.30 -1.09
N ALA A 55 5.10 -21.48 -1.30
CA ALA A 55 5.33 -20.89 -2.60
C ALA A 55 5.46 -21.96 -3.68
N LYS A 56 6.11 -23.08 -3.35
CA LYS A 56 6.26 -24.12 -4.36
C LYS A 56 4.92 -24.69 -4.79
N ARG A 57 3.92 -24.66 -3.89
N ARG A 57 3.93 -24.67 -3.89
CA ARG A 57 2.60 -25.20 -4.21
CA ARG A 57 2.61 -25.20 -4.24
C ARG A 57 1.74 -24.24 -5.03
C ARG A 57 1.88 -24.31 -5.23
N ILE A 58 2.19 -23.01 -5.25
CA ILE A 58 1.45 -22.06 -6.05
C ILE A 58 1.69 -22.34 -7.52
N PRO A 59 0.65 -22.56 -8.32
CA PRO A 59 0.85 -22.97 -9.71
C PRO A 59 1.81 -22.03 -10.43
N HIS A 60 2.80 -22.63 -11.09
CA HIS A 60 3.75 -21.98 -11.99
C HIS A 60 4.88 -21.24 -11.25
N PHE A 61 4.76 -20.99 -9.95
CA PHE A 61 5.89 -20.33 -9.26
C PHE A 61 7.19 -21.11 -9.45
N SER A 62 7.14 -22.43 -9.26
CA SER A 62 8.35 -23.23 -9.37
C SER A 62 8.90 -23.29 -10.80
N GLU A 63 8.15 -22.81 -11.78
CA GLU A 63 8.61 -22.84 -13.17
C GLU A 63 9.36 -21.57 -13.55
N LEU A 64 9.27 -20.52 -12.74
CA LEU A 64 10.07 -19.31 -12.91
C LEU A 64 11.56 -19.64 -12.73
N PRO A 65 12.45 -18.85 -13.35
CA PRO A 65 13.87 -19.02 -13.06
C PRO A 65 14.14 -18.91 -11.57
N LEU A 66 15.12 -19.69 -11.10
CA LEU A 66 15.46 -19.68 -9.67
C LEU A 66 15.72 -18.28 -9.15
N ASP A 67 16.50 -17.48 -9.88
CA ASP A 67 16.86 -16.13 -9.41
C ASP A 67 15.62 -15.26 -9.23
N ASP A 68 14.66 -15.39 -10.13
CA ASP A 68 13.38 -14.69 -9.96
C ASP A 68 12.57 -15.27 -8.80
N GLN A 69 12.61 -16.59 -8.59
CA GLN A 69 11.88 -17.08 -7.43
C GLN A 69 12.47 -16.51 -6.16
N VAL A 70 13.80 -16.45 -6.09
CA VAL A 70 14.49 -15.84 -4.95
C VAL A 70 14.07 -14.37 -4.80
N ILE A 71 14.11 -13.62 -5.89
CA ILE A 71 13.73 -12.20 -5.83
C ILE A 71 12.31 -12.03 -5.28
N LEU A 72 11.38 -12.85 -5.76
CA LEU A 72 10.00 -12.69 -5.32
C LEU A 72 9.82 -12.99 -3.84
N LEU A 73 10.44 -14.06 -3.35
CA LEU A 73 10.28 -14.37 -1.93
C LEU A 73 10.99 -13.38 -1.05
N ARG A 74 12.14 -12.87 -1.49
CA ARG A 74 12.80 -11.85 -0.69
C ARG A 74 12.03 -10.54 -0.71
N ALA A 75 11.38 -10.21 -1.82
CA ALA A 75 10.56 -8.99 -1.87
C ALA A 75 9.27 -9.14 -1.08
N GLY A 76 8.75 -10.35 -0.95
CA GLY A 76 7.41 -10.45 -0.40
C GLY A 76 7.24 -11.22 0.89
N TRP A 77 8.29 -11.87 1.41
CA TRP A 77 8.06 -12.80 2.52
C TRP A 77 7.39 -12.08 3.69
N ASN A 78 7.74 -10.81 3.94
CA ASN A 78 7.23 -10.14 5.12
C ASN A 78 5.72 -9.92 5.03
N GLU A 79 5.22 -9.34 3.93
CA GLU A 79 3.78 -9.16 3.80
C GLU A 79 3.08 -10.52 3.76
N LEU A 80 3.72 -11.53 3.14
CA LEU A 80 3.15 -12.88 3.08
C LEU A 80 2.95 -13.48 4.46
N LEU A 81 3.93 -13.32 5.35
CA LEU A 81 3.78 -13.83 6.71
C LEU A 81 2.79 -13.00 7.52
N ILE A 82 2.77 -11.68 7.31
CA ILE A 82 1.81 -10.83 8.04
C ILE A 82 0.37 -11.15 7.64
N ALA A 83 0.12 -11.31 6.34
CA ALA A 83 -1.20 -11.78 5.91
C ALA A 83 -1.61 -13.05 6.65
N SER A 84 -0.67 -13.98 6.83
CA SER A 84 -1.04 -15.28 7.40
C SER A 84 -1.31 -15.18 8.90
N PHE A 85 -0.45 -14.49 9.68
CA PHE A 85 -0.78 -14.43 11.11
C PHE A 85 -1.98 -13.52 11.35
N SER A 86 -2.21 -12.52 10.50
CA SER A 86 -3.42 -11.71 10.68
C SER A 86 -4.66 -12.56 10.50
N HIS A 87 -4.68 -13.37 9.44
CA HIS A 87 -5.86 -14.19 9.21
C HIS A 87 -5.98 -15.27 10.28
N ARG A 88 -4.85 -15.82 10.73
CA ARG A 88 -4.84 -16.81 11.82
C ARG A 88 -5.43 -16.25 13.12
N SER A 89 -5.39 -14.94 13.29
CA SER A 89 -5.79 -14.26 14.52
C SER A 89 -7.26 -13.89 14.57
N ILE A 90 -8.04 -14.16 13.50
CA ILE A 90 -9.46 -13.84 13.49
C ILE A 90 -10.15 -14.35 14.76
N ALA A 91 -9.74 -15.51 15.24
CA ALA A 91 -10.42 -16.13 16.38
C ALA A 91 -9.94 -15.57 17.71
N VAL A 92 -8.78 -14.92 17.72
CA VAL A 92 -8.23 -14.37 18.94
C VAL A 92 -9.01 -13.11 19.33
N LYS A 93 -9.30 -13.00 20.63
CA LYS A 93 -9.91 -11.81 21.21
C LYS A 93 -8.85 -10.74 21.41
N ASP A 94 -8.90 -9.68 20.59
CA ASP A 94 -8.01 -8.53 20.74
C ASP A 94 -6.56 -8.96 20.91
N GLY A 95 -6.07 -9.69 19.92
CA GLY A 95 -4.70 -10.13 20.00
C GLY A 95 -4.27 -10.85 18.73
N ILE A 96 -3.00 -11.22 18.73
CA ILE A 96 -2.36 -11.87 17.59
C ILE A 96 -1.90 -13.23 18.06
N LEU A 97 -2.13 -14.25 17.24
CA LEU A 97 -1.66 -15.60 17.50
C LEU A 97 -0.41 -15.82 16.67
N LEU A 98 0.75 -15.85 17.32
CA LEU A 98 2.02 -16.10 16.63
C LEU A 98 2.20 -17.58 16.37
N ALA A 99 2.99 -17.88 15.31
CA ALA A 99 3.22 -19.27 14.96
C ALA A 99 3.91 -20.04 16.08
N THR A 100 4.54 -19.35 17.05
CA THR A 100 5.06 -20.04 18.24
C THR A 100 3.95 -20.50 19.17
N GLY A 101 2.73 -19.98 19.00
CA GLY A 101 1.65 -20.27 19.92
C GLY A 101 1.38 -19.18 20.93
N LEU A 102 2.26 -18.18 21.03
N LEU A 102 2.24 -18.16 21.01
CA LEU A 102 2.03 -17.06 21.94
CA LEU A 102 2.05 -17.06 21.95
C LEU A 102 0.92 -16.18 21.41
C LEU A 102 0.95 -16.13 21.44
N HIS A 103 -0.05 -15.87 22.28
CA HIS A 103 -1.08 -14.89 21.97
C HIS A 103 -0.57 -13.55 22.44
N VAL A 104 -0.24 -12.65 21.52
CA VAL A 104 0.16 -11.31 21.90
C VAL A 104 -1.09 -10.47 22.10
N HIS A 105 -1.26 -9.91 23.29
CA HIS A 105 -2.39 -9.00 23.57
C HIS A 105 -1.89 -7.57 23.75
N ARG A 106 -2.84 -6.62 23.92
CA ARG A 106 -2.50 -5.21 23.71
CA ARG A 106 -2.53 -5.21 23.73
C ARG A 106 -1.49 -4.71 24.74
N ASN A 107 -1.77 -4.90 26.03
CA ASN A 107 -0.82 -4.43 27.04
C ASN A 107 0.57 -5.03 26.81
N SER A 108 0.62 -6.31 26.47
CA SER A 108 1.92 -6.93 26.28
C SER A 108 2.64 -6.31 25.09
N ALA A 109 1.93 -6.10 23.98
CA ALA A 109 2.53 -5.47 22.80
C ALA A 109 3.10 -4.10 23.14
N HIS A 110 2.35 -3.30 23.90
CA HIS A 110 2.85 -1.97 24.25
C HIS A 110 4.05 -2.02 25.17
N SER A 111 4.11 -3.01 26.09
CA SER A 111 5.24 -3.07 26.98
C SER A 111 6.52 -3.49 26.27
N ALA A 112 6.40 -4.11 25.09
CA ALA A 112 7.52 -4.59 24.28
C ALA A 112 7.95 -3.62 23.20
N GLY A 113 7.28 -2.48 23.05
CA GLY A 113 7.65 -1.53 22.03
C GLY A 113 6.98 -1.75 20.68
N VAL A 114 5.99 -2.64 20.58
CA VAL A 114 5.27 -2.83 19.32
C VAL A 114 3.81 -2.46 19.47
N GLY A 115 3.52 -1.46 20.31
CA GLY A 115 2.13 -1.12 20.57
C GLY A 115 1.43 -0.51 19.36
N ALA A 116 2.06 0.46 18.70
CA ALA A 116 1.40 1.14 17.60
C ALA A 116 1.12 0.17 16.45
N ILE A 117 2.05 -0.71 16.14
CA ILE A 117 1.80 -1.62 15.02
C ILE A 117 0.75 -2.66 15.41
N PHE A 118 0.77 -3.10 16.67
CA PHE A 118 -0.29 -3.97 17.16
C PHE A 118 -1.65 -3.38 16.84
N ASP A 119 -1.86 -2.11 17.22
CA ASP A 119 -3.15 -1.47 17.00
C ASP A 119 -3.52 -1.44 15.52
N ARG A 120 -2.56 -1.10 14.65
N ARG A 120 -2.56 -1.09 14.66
CA ARG A 120 -2.83 -1.04 13.22
CA ARG A 120 -2.81 -1.05 13.21
C ARG A 120 -3.18 -2.42 12.65
C ARG A 120 -3.21 -2.42 12.68
N VAL A 121 -2.51 -3.47 13.11
CA VAL A 121 -2.78 -4.81 12.56
C VAL A 121 -4.18 -5.25 12.90
N LEU A 122 -4.60 -4.98 14.14
CA LEU A 122 -5.96 -5.33 14.54
C LEU A 122 -7.00 -4.50 13.79
N THR A 123 -6.79 -3.19 13.66
CA THR A 123 -7.85 -2.38 13.05
C THR A 123 -7.86 -2.50 11.52
N GLU A 124 -6.70 -2.68 10.90
CA GLU A 124 -6.60 -2.61 9.44
C GLU A 124 -6.54 -3.98 8.79
N LEU A 125 -6.18 -5.03 9.53
CA LEU A 125 -6.15 -6.37 8.93
C LEU A 125 -7.06 -7.35 9.66
N VAL A 126 -6.82 -7.64 10.94
CA VAL A 126 -7.53 -8.74 11.58
C VAL A 126 -9.03 -8.44 11.59
N SER A 127 -9.42 -7.30 12.17
N SER A 127 -9.42 -7.30 12.17
CA SER A 127 -10.83 -6.98 12.28
CA SER A 127 -10.85 -6.99 12.29
C SER A 127 -11.51 -6.96 10.92
C SER A 127 -11.53 -6.94 10.92
N LYS A 128 -10.81 -6.46 9.89
CA LYS A 128 -11.40 -6.39 8.55
C LYS A 128 -11.54 -7.79 7.94
N MET A 129 -10.52 -8.62 8.07
CA MET A 129 -10.63 -10.03 7.71
C MET A 129 -11.79 -10.71 8.41
N ARG A 130 -11.99 -10.40 9.69
N ARG A 130 -12.00 -10.39 9.69
CA ARG A 130 -13.07 -11.05 10.46
CA ARG A 130 -13.04 -11.04 10.48
C ARG A 130 -14.44 -10.56 10.03
C ARG A 130 -14.43 -10.55 10.06
N ASP A 131 -14.60 -9.24 9.89
CA ASP A 131 -15.91 -8.68 9.60
C ASP A 131 -16.42 -9.16 8.23
N MET A 132 -15.53 -9.33 7.26
CA MET A 132 -15.98 -9.79 5.95
C MET A 132 -15.96 -11.32 5.82
N GLN A 133 -15.47 -12.02 6.85
CA GLN A 133 -15.34 -13.48 6.82
C GLN A 133 -14.50 -13.92 5.61
N MET A 134 -13.40 -13.22 5.38
CA MET A 134 -12.42 -13.64 4.39
C MET A 134 -12.12 -15.12 4.53
N ASP A 135 -12.29 -15.88 3.46
CA ASP A 135 -12.06 -17.32 3.56
C ASP A 135 -10.65 -17.66 3.10
N LYS A 136 -10.26 -18.91 3.35
CA LYS A 136 -8.87 -19.32 3.09
C LYS A 136 -8.51 -19.24 1.61
N THR A 137 -9.48 -19.41 0.70
CA THR A 137 -9.17 -19.24 -0.72
C THR A 137 -8.86 -17.80 -1.07
N GLU A 138 -9.60 -16.87 -0.47
CA GLU A 138 -9.36 -15.45 -0.69
C GLU A 138 -8.01 -15.03 -0.14
N LEU A 139 -7.67 -15.48 1.06
CA LEU A 139 -6.37 -15.23 1.64
C LEU A 139 -5.26 -15.76 0.75
N GLY A 140 -5.39 -17.02 0.32
CA GLY A 140 -4.37 -17.60 -0.53
C GLY A 140 -4.20 -16.84 -1.84
N CYS A 141 -5.30 -16.42 -2.46
CA CYS A 141 -5.19 -15.64 -3.69
C CYS A 141 -4.54 -14.27 -3.44
N LEU A 142 -4.86 -13.62 -2.31
CA LEU A 142 -4.17 -12.36 -2.02
C LEU A 142 -2.67 -12.59 -1.83
N ARG A 143 -2.31 -13.62 -1.05
CA ARG A 143 -0.90 -13.93 -0.89
C ARG A 143 -0.25 -14.26 -2.22
N ALA A 144 -0.94 -15.01 -3.07
CA ALA A 144 -0.36 -15.31 -4.38
C ALA A 144 -0.12 -14.03 -5.19
N ILE A 145 -1.05 -13.07 -5.09
CA ILE A 145 -0.87 -11.79 -5.77
C ILE A 145 0.37 -11.08 -5.23
N VAL A 146 0.51 -11.05 -3.90
CA VAL A 146 1.70 -10.49 -3.27
C VAL A 146 2.95 -11.17 -3.79
N LEU A 147 2.92 -12.49 -3.83
CA LEU A 147 4.06 -13.28 -4.28
C LEU A 147 4.48 -12.88 -5.69
N PHE A 148 3.54 -12.87 -6.63
CA PHE A 148 3.84 -12.51 -8.01
C PHE A 148 3.82 -10.98 -8.12
N ASN A 149 4.78 -10.36 -7.43
CA ASN A 149 4.87 -8.90 -7.43
C ASN A 149 5.74 -8.40 -8.58
N PRO A 150 5.16 -7.91 -9.69
CA PRO A 150 6.01 -7.51 -10.83
C PRO A 150 6.82 -6.24 -10.57
N ASP A 151 6.60 -5.54 -9.45
CA ASP A 151 7.41 -4.39 -9.10
C ASP A 151 8.74 -4.80 -8.47
N SER A 152 8.90 -6.06 -8.08
CA SER A 152 10.10 -6.48 -7.38
C SER A 152 11.33 -6.14 -8.22
N LYS A 153 12.37 -5.61 -7.58
CA LYS A 153 13.52 -5.16 -8.36
C LYS A 153 14.41 -6.31 -8.81
N GLY A 154 14.81 -6.28 -10.08
CA GLY A 154 15.76 -7.21 -10.64
C GLY A 154 15.18 -8.43 -11.33
N LEU A 155 13.86 -8.51 -11.45
CA LEU A 155 13.27 -9.65 -12.15
C LEU A 155 13.79 -9.72 -13.57
N SER A 156 14.16 -10.93 -14.00
CA SER A 156 14.53 -11.11 -15.40
C SER A 156 13.36 -10.84 -16.32
N ASN A 157 12.13 -10.92 -15.82
CA ASN A 157 11.04 -10.79 -16.77
C ASN A 157 9.78 -10.35 -16.03
N PRO A 158 9.69 -9.07 -15.66
CA PRO A 158 8.52 -8.64 -14.87
C PRO A 158 7.21 -8.95 -15.57
N ALA A 159 7.20 -8.87 -16.91
CA ALA A 159 5.97 -9.11 -17.67
C ALA A 159 5.40 -10.51 -17.43
N GLU A 160 6.28 -11.50 -17.28
CA GLU A 160 5.82 -12.85 -16.95
C GLU A 160 5.23 -12.89 -15.55
N VAL A 161 5.88 -12.22 -14.60
CA VAL A 161 5.34 -12.22 -13.25
C VAL A 161 4.03 -11.46 -13.21
N GLU A 162 3.93 -10.38 -13.99
CA GLU A 162 2.67 -9.65 -14.03
C GLU A 162 1.58 -10.53 -14.62
N ALA A 163 1.91 -11.34 -15.61
CA ALA A 163 0.93 -12.24 -16.21
C ALA A 163 0.42 -13.25 -15.19
N LEU A 164 1.33 -13.78 -14.35
CA LEU A 164 0.88 -14.72 -13.32
C LEU A 164 -0.02 -14.00 -12.32
N ARG A 165 0.40 -12.82 -11.87
CA ARG A 165 -0.46 -12.01 -11.01
C ARG A 165 -1.85 -11.86 -11.61
N GLU A 166 -1.91 -11.50 -12.89
CA GLU A 166 -3.19 -11.27 -13.55
C GLU A 166 -4.05 -12.52 -13.52
N LYS A 167 -3.45 -13.69 -13.77
CA LYS A 167 -4.22 -14.92 -13.72
C LYS A 167 -4.80 -15.16 -12.34
N VAL A 168 -4.03 -14.84 -11.29
CA VAL A 168 -4.54 -15.01 -9.93
C VAL A 168 -5.74 -14.12 -9.69
N TYR A 169 -5.64 -12.83 -10.01
CA TYR A 169 -6.79 -12.04 -9.63
C TYR A 169 -8.00 -12.24 -10.53
N ALA A 170 -7.80 -12.67 -11.77
CA ALA A 170 -8.93 -13.12 -12.56
C ALA A 170 -9.62 -14.30 -11.87
N SER A 171 -8.83 -15.26 -11.39
CA SER A 171 -9.42 -16.43 -10.75
C SER A 171 -10.11 -16.06 -9.45
N LEU A 172 -9.49 -15.20 -8.65
CA LEU A 172 -10.10 -14.75 -7.41
C LEU A 172 -11.42 -14.03 -7.66
N GLU A 173 -11.41 -13.11 -8.63
CA GLU A 173 -12.62 -12.35 -8.93
C GLU A 173 -13.77 -13.30 -9.25
N ALA A 174 -13.51 -14.28 -10.14
CA ALA A 174 -14.56 -15.22 -10.53
C ALA A 174 -14.97 -16.10 -9.36
N TYR A 175 -14.00 -16.51 -8.54
CA TYR A 175 -14.33 -17.21 -7.30
C TYR A 175 -15.30 -16.37 -6.46
N CYS A 176 -14.98 -15.10 -6.27
CA CYS A 176 -15.81 -14.22 -5.46
C CYS A 176 -17.19 -14.07 -6.07
N LYS A 177 -17.29 -13.97 -7.39
CA LYS A 177 -18.60 -13.73 -7.97
C LYS A 177 -19.47 -14.98 -7.90
N HIS A 178 -18.88 -16.18 -7.94
CA HIS A 178 -19.69 -17.38 -7.88
C HIS A 178 -19.95 -17.87 -6.47
N LYS A 179 -19.14 -17.46 -5.49
CA LYS A 179 -19.40 -17.84 -4.11
C LYS A 179 -20.16 -16.80 -3.32
N TYR A 180 -19.98 -15.52 -3.62
CA TYR A 180 -20.67 -14.44 -2.90
C TYR A 180 -21.40 -13.56 -3.91
N PRO A 181 -22.37 -14.13 -4.61
CA PRO A 181 -23.11 -13.36 -5.62
C PRO A 181 -23.70 -12.07 -5.09
N GLU A 182 -24.08 -12.03 -3.82
CA GLU A 182 -24.75 -10.88 -3.25
C GLU A 182 -23.80 -9.74 -2.91
N GLN A 183 -22.49 -9.91 -3.07
CA GLN A 183 -21.50 -8.95 -2.60
C GLN A 183 -20.66 -8.53 -3.80
N PRO A 184 -21.21 -7.70 -4.68
CA PRO A 184 -20.46 -7.36 -5.91
C PRO A 184 -19.17 -6.62 -5.65
N GLY A 185 -19.07 -5.93 -4.52
CA GLY A 185 -17.82 -5.24 -4.21
C GLY A 185 -16.79 -6.07 -3.50
N ARG A 186 -17.04 -7.37 -3.27
CA ARG A 186 -16.14 -8.16 -2.43
C ARG A 186 -14.75 -8.27 -3.05
N PHE A 187 -14.67 -8.57 -4.35
CA PHE A 187 -13.38 -8.67 -5.00
C PHE A 187 -12.55 -7.38 -4.82
N ALA A 188 -13.18 -6.22 -5.07
CA ALA A 188 -12.49 -4.96 -4.88
C ALA A 188 -12.06 -4.79 -3.43
N LYS A 189 -12.93 -5.19 -2.50
CA LYS A 189 -12.64 -5.00 -1.09
C LYS A 189 -11.41 -5.81 -0.68
N LEU A 190 -11.32 -7.04 -1.18
CA LEU A 190 -10.13 -7.85 -0.93
C LEU A 190 -8.87 -7.13 -1.39
N LEU A 191 -8.89 -6.61 -2.61
CA LEU A 191 -7.66 -5.97 -3.11
C LEU A 191 -7.33 -4.71 -2.33
N LEU A 192 -8.33 -3.97 -1.85
CA LEU A 192 -8.09 -2.70 -1.18
C LEU A 192 -7.59 -2.90 0.25
N ARG A 193 -7.23 -4.12 0.59
CA ARG A 193 -6.61 -4.40 1.85
C ARG A 193 -5.08 -4.57 1.64
N LEU A 194 -4.64 -4.68 0.39
CA LEU A 194 -3.21 -4.73 0.07
C LEU A 194 -2.45 -3.45 0.39
N PRO A 195 -3.01 -2.23 0.21
CA PRO A 195 -2.23 -1.05 0.61
C PRO A 195 -1.96 -1.04 2.11
N ALA A 196 -2.93 -1.45 2.93
CA ALA A 196 -2.64 -1.50 4.36
C ALA A 196 -1.59 -2.56 4.63
N LEU A 197 -1.69 -3.72 3.97
CA LEU A 197 -0.68 -4.74 4.16
C LEU A 197 0.71 -4.23 3.80
N ARG A 198 0.79 -3.35 2.79
CA ARG A 198 2.07 -2.78 2.39
C ARG A 198 2.67 -1.89 3.49
N SER A 199 1.89 -0.96 4.04
CA SER A 199 2.49 -0.07 5.03
C SER A 199 2.70 -0.78 6.36
N ILE A 200 1.83 -1.73 6.71
CA ILE A 200 2.09 -2.50 7.94
C ILE A 200 3.36 -3.33 7.77
N GLY A 201 3.54 -3.95 6.60
CA GLY A 201 4.78 -4.67 6.34
C GLY A 201 5.98 -3.76 6.51
N LEU A 202 5.91 -2.55 5.97
CA LEU A 202 7.06 -1.65 6.12
C LEU A 202 7.33 -1.32 7.58
N LYS A 203 6.28 -1.10 8.38
CA LYS A 203 6.49 -0.82 9.79
CA LYS A 203 6.51 -0.82 9.79
C LYS A 203 7.06 -2.04 10.52
N CYS A 204 6.55 -3.24 10.22
CA CYS A 204 7.10 -4.42 10.87
C CYS A 204 8.55 -4.60 10.48
N LEU A 205 8.87 -4.33 9.22
CA LEU A 205 10.25 -4.49 8.81
C LEU A 205 11.14 -3.50 9.54
N GLU A 206 10.65 -2.27 9.79
N GLU A 206 10.65 -2.28 9.77
CA GLU A 206 11.45 -1.31 10.55
CA GLU A 206 11.42 -1.30 10.55
C GLU A 206 11.69 -1.78 11.98
C GLU A 206 11.70 -1.80 11.96
N HIS A 207 10.66 -2.32 12.64
CA HIS A 207 10.90 -2.95 13.93
C HIS A 207 11.99 -3.99 13.82
N LEU A 208 11.93 -4.84 12.80
CA LEU A 208 12.85 -5.96 12.74
C LEU A 208 14.28 -5.46 12.54
N PHE A 209 14.50 -4.45 11.67
CA PHE A 209 15.84 -3.89 11.59
C PHE A 209 16.29 -3.26 12.89
N PHE A 210 15.36 -2.75 13.70
CA PHE A 210 15.78 -2.22 14.99
C PHE A 210 16.13 -3.36 15.96
N PHE A 211 15.30 -4.41 15.99
CA PHE A 211 15.65 -5.57 16.81
C PHE A 211 17.04 -6.10 16.42
N LYS A 212 17.35 -6.09 15.12
CA LYS A 212 18.68 -6.47 14.68
C LYS A 212 19.73 -5.52 15.22
N LEU A 213 19.50 -4.22 15.04
CA LEU A 213 20.47 -3.24 15.50
C LEU A 213 20.82 -3.48 16.96
N ILE A 214 19.80 -3.71 17.81
CA ILE A 214 20.02 -3.77 19.25
C ILE A 214 20.31 -5.18 19.74
N GLY A 215 20.32 -6.18 18.85
CA GLY A 215 20.77 -7.51 19.21
C GLY A 215 19.70 -8.44 19.72
N ASP A 216 18.42 -8.09 19.54
CA ASP A 216 17.31 -8.96 19.89
C ASP A 216 17.15 -10.12 18.90
N THR A 217 17.46 -9.92 17.61
CA THR A 217 17.33 -11.00 16.63
C THR A 217 18.41 -12.06 16.83
N PRO A 218 18.06 -13.33 16.93
CA PRO A 218 19.09 -14.38 16.92
C PRO A 218 19.86 -14.34 15.60
N ILE A 219 21.13 -14.75 15.67
CA ILE A 219 22.01 -14.67 14.51
C ILE A 219 21.96 -15.95 13.68
N ASP A 220 22.43 -15.82 12.44
CA ASP A 220 22.71 -16.96 11.57
C ASP A 220 21.46 -17.64 11.07
N THR A 221 20.30 -16.99 11.17
CA THR A 221 19.04 -17.62 10.88
C THR A 221 18.60 -17.32 9.45
N PHE A 222 17.50 -17.94 9.06
CA PHE A 222 16.91 -17.64 7.76
C PHE A 222 16.29 -16.26 7.76
N LEU A 223 15.74 -15.84 8.90
CA LEU A 223 15.28 -14.46 9.04
C LEU A 223 16.42 -13.47 8.83
N MET A 224 17.57 -13.69 9.47
CA MET A 224 18.72 -12.81 9.27
C MET A 224 19.16 -12.78 7.81
N GLU A 225 19.14 -13.92 7.12
CA GLU A 225 19.44 -13.86 5.69
C GLU A 225 18.50 -12.93 4.94
N MET A 226 17.20 -12.96 5.25
CA MET A 226 16.30 -12.00 4.60
C MET A 226 16.69 -10.56 4.91
N LEU A 227 17.20 -10.29 6.10
CA LEU A 227 17.51 -8.90 6.43
C LEU A 227 18.85 -8.44 5.88
N GLU A 228 19.74 -9.35 5.48
CA GLU A 228 21.05 -8.89 5.06
C GLU A 228 21.43 -9.31 3.64
N ALA A 229 20.56 -10.04 2.94
CA ALA A 229 20.81 -10.42 1.55
C ALA A 229 20.97 -9.18 0.67
N LYS B 1 27.42 -16.07 2.08
CA LYS B 1 26.73 -17.02 1.22
C LYS B 1 25.32 -16.52 0.91
N HIS B 2 24.47 -16.57 1.94
CA HIS B 2 23.07 -16.14 1.79
C HIS B 2 22.35 -16.99 0.76
N LYS B 3 22.54 -18.31 0.82
CA LYS B 3 21.88 -19.24 -0.09
C LYS B 3 20.92 -20.18 0.63
N ILE B 4 20.51 -19.84 1.85
CA ILE B 4 19.53 -20.68 2.55
C ILE B 4 18.29 -20.86 1.68
N LEU B 5 17.76 -19.75 1.18
CA LEU B 5 16.56 -19.76 0.34
C LEU B 5 16.80 -20.58 -0.92
N HIS B 6 17.92 -20.35 -1.61
CA HIS B 6 18.23 -21.12 -2.81
C HIS B 6 18.20 -22.63 -2.56
N ARG B 7 18.82 -23.09 -1.46
CA ARG B 7 18.85 -24.55 -1.24
C ARG B 7 17.45 -25.10 -0.92
N LEU B 8 16.63 -24.33 -0.21
CA LEU B 8 15.29 -24.81 0.10
C LEU B 8 14.40 -24.84 -1.14
N LEU B 9 14.62 -23.97 -2.11
CA LEU B 9 13.78 -23.99 -3.29
C LEU B 9 14.00 -25.21 -4.19
N GLN B 10 14.98 -26.07 -3.90
CA GLN B 10 15.28 -27.22 -4.76
C GLN B 10 14.35 -28.41 -4.50
N ASP C 1 -24.86 8.11 -3.95
CA ASP C 1 -24.63 8.11 -5.40
C ASP C 1 -23.35 8.87 -5.79
N MET C 2 -22.57 8.32 -6.72
CA MET C 2 -21.18 8.75 -6.95
C MET C 2 -20.87 8.73 -8.44
N PRO C 3 -21.23 9.79 -9.17
CA PRO C 3 -21.06 9.77 -10.64
C PRO C 3 -19.62 10.07 -11.04
N VAL C 4 -19.06 9.23 -11.90
CA VAL C 4 -17.69 9.47 -12.32
C VAL C 4 -17.58 10.82 -13.02
N GLU C 5 -18.68 11.28 -13.62
CA GLU C 5 -18.65 12.55 -14.33
C GLU C 5 -18.30 13.69 -13.38
N ARG C 6 -18.86 13.68 -12.17
N ARG C 6 -18.84 13.67 -12.17
CA ARG C 6 -18.50 14.69 -11.18
CA ARG C 6 -18.49 14.71 -11.20
C ARG C 6 -17.04 14.57 -10.79
C ARG C 6 -17.05 14.57 -10.73
N ILE C 7 -16.52 13.34 -10.74
CA ILE C 7 -15.13 13.15 -10.35
C ILE C 7 -14.20 13.64 -11.45
N LEU C 8 -14.53 13.36 -12.71
CA LEU C 8 -13.77 13.94 -13.81
C LEU C 8 -13.80 15.47 -13.74
N GLU C 9 -14.98 16.06 -13.53
CA GLU C 9 -15.10 17.51 -13.41
C GLU C 9 -14.16 18.06 -12.34
N ALA C 10 -14.07 17.38 -11.20
CA ALA C 10 -13.15 17.78 -10.15
C ALA C 10 -11.71 17.80 -10.65
N GLU C 11 -11.28 16.73 -11.34
CA GLU C 11 -9.94 16.70 -11.91
C GLU C 11 -9.71 17.87 -12.86
N LEU C 12 -10.62 18.06 -13.81
CA LEU C 12 -10.40 19.07 -14.84
C LEU C 12 -10.49 20.48 -14.27
N ALA C 13 -11.22 20.66 -13.17
CA ALA C 13 -11.31 21.98 -12.56
C ALA C 13 -9.98 22.43 -11.98
N VAL C 14 -9.14 21.51 -11.54
CA VAL C 14 -7.95 21.90 -10.79
C VAL C 14 -6.65 21.66 -11.55
N GLU C 15 -6.64 20.83 -12.57
CA GLU C 15 -5.41 20.38 -13.23
C GLU C 15 -5.52 20.67 -14.73
N PRO C 16 -4.76 21.65 -15.26
CA PRO C 16 -4.82 22.04 -16.68
C PRO C 16 -4.85 20.84 -17.63
N SER C 31 22.38 22.54 -14.00
CA SER C 31 21.33 22.53 -12.98
C SER C 31 21.92 22.44 -11.57
N SER C 32 21.43 23.27 -10.66
CA SER C 32 21.91 23.19 -9.29
C SER C 32 21.37 21.93 -8.61
N PRO C 33 22.21 21.23 -7.82
CA PRO C 33 21.70 20.10 -7.04
C PRO C 33 20.63 20.51 -6.04
N ASN C 34 20.43 21.80 -5.81
CA ASN C 34 19.37 22.20 -4.90
C ASN C 34 18.04 22.45 -5.58
N ASP C 35 18.00 22.51 -6.91
CA ASP C 35 16.74 22.89 -7.56
C ASP C 35 15.62 21.91 -7.27
N PRO C 36 15.81 20.59 -7.35
CA PRO C 36 14.67 19.68 -7.16
C PRO C 36 14.03 19.77 -5.78
N VAL C 37 14.83 19.94 -4.73
CA VAL C 37 14.27 20.00 -3.39
C VAL C 37 13.49 21.30 -3.19
N THR C 38 14.10 22.43 -3.56
CA THR C 38 13.38 23.71 -3.57
C THR C 38 12.06 23.62 -4.33
N ASN C 39 12.12 23.10 -5.56
CA ASN C 39 10.91 23.01 -6.37
C ASN C 39 9.88 22.06 -5.77
N ILE C 40 10.33 20.92 -5.22
CA ILE C 40 9.40 19.98 -4.60
C ILE C 40 8.68 20.60 -3.40
N CYS C 41 9.40 21.35 -2.58
CA CYS C 41 8.73 21.96 -1.43
C CYS C 41 7.76 23.05 -1.87
N GLN C 42 8.18 23.90 -2.81
N GLN C 42 8.15 23.88 -2.84
CA GLN C 42 7.26 24.91 -3.35
CA GLN C 42 7.24 24.91 -3.34
C GLN C 42 6.03 24.24 -3.97
C GLN C 42 6.03 24.29 -4.02
N ALA C 43 6.24 23.26 -4.84
CA ALA C 43 5.12 22.63 -5.54
C ALA C 43 4.16 21.93 -4.59
N ALA C 44 4.67 21.20 -3.60
CA ALA C 44 3.79 20.48 -2.69
C ALA C 44 2.89 21.44 -1.93
N ASP C 45 3.48 22.53 -1.43
CA ASP C 45 2.69 23.55 -0.75
C ASP C 45 1.65 24.17 -1.67
N LYS C 46 2.06 24.60 -2.87
CA LYS C 46 1.09 25.11 -3.84
C LYS C 46 -0.08 24.15 -4.02
N GLN C 47 0.21 22.86 -4.20
CA GLN C 47 -0.87 21.94 -4.56
C GLN C 47 -1.75 21.57 -3.39
N LEU C 48 -1.31 21.81 -2.16
CA LEU C 48 -2.20 21.59 -1.02
C LEU C 48 -3.41 22.51 -1.05
N PHE C 49 -3.22 23.80 -1.33
CA PHE C 49 -4.39 24.67 -1.43
C PHE C 49 -5.32 24.17 -2.52
N THR C 50 -4.73 23.70 -3.62
CA THR C 50 -5.53 23.21 -4.73
C THR C 50 -6.21 21.90 -4.36
N LEU C 51 -5.57 21.08 -3.52
CA LEU C 51 -6.17 19.81 -3.15
C LEU C 51 -7.48 20.03 -2.40
N VAL C 52 -7.54 21.08 -1.57
CA VAL C 52 -8.77 21.35 -0.83
C VAL C 52 -9.91 21.67 -1.79
N GLU C 53 -9.65 22.47 -2.82
CA GLU C 53 -10.71 22.73 -3.80
C GLU C 53 -11.12 21.46 -4.51
N TRP C 54 -10.15 20.59 -4.82
CA TRP C 54 -10.49 19.32 -5.45
C TRP C 54 -11.40 18.50 -4.55
N ALA C 55 -10.99 18.31 -3.30
CA ALA C 55 -11.76 17.44 -2.41
C ALA C 55 -13.19 17.95 -2.25
N LYS C 56 -13.38 19.27 -2.15
CA LYS C 56 -14.72 19.78 -1.98
C LYS C 56 -15.61 19.47 -3.17
N ARG C 57 -15.02 19.26 -4.34
CA ARG C 57 -15.77 18.94 -5.55
C ARG C 57 -16.08 17.45 -5.68
N ILE C 58 -15.57 16.62 -4.77
CA ILE C 58 -15.88 15.19 -4.79
C ILE C 58 -17.24 14.97 -4.14
N PRO C 59 -18.21 14.34 -4.83
CA PRO C 59 -19.54 14.18 -4.21
C PRO C 59 -19.43 13.68 -2.78
N HIS C 60 -20.05 14.45 -1.89
CA HIS C 60 -20.37 14.08 -0.51
C HIS C 60 -19.22 14.33 0.47
N PHE C 61 -18.01 14.61 0.00
CA PHE C 61 -16.94 14.94 0.93
C PHE C 61 -17.29 16.14 1.80
N SER C 62 -17.89 17.18 1.21
CA SER C 62 -18.21 18.35 2.03
C SER C 62 -19.36 18.11 2.98
N GLU C 63 -20.12 17.03 2.80
N GLU C 63 -20.10 17.02 2.81
CA GLU C 63 -21.17 16.69 3.74
CA GLU C 63 -21.19 16.67 3.71
C GLU C 63 -20.62 16.09 5.03
C GLU C 63 -20.74 15.77 4.86
N LEU C 64 -19.43 15.49 4.97
CA LEU C 64 -18.84 14.87 6.14
C LEU C 64 -18.64 15.90 7.25
N PRO C 65 -18.60 15.46 8.51
CA PRO C 65 -18.26 16.40 9.59
C PRO C 65 -16.90 17.05 9.32
N LEU C 66 -16.77 18.31 9.72
CA LEU C 66 -15.52 19.04 9.49
C LEU C 66 -14.30 18.27 10.00
N ASP C 67 -14.36 17.75 11.23
CA ASP C 67 -13.20 17.05 11.78
C ASP C 67 -12.83 15.82 10.96
N ASP C 68 -13.81 15.19 10.33
CA ASP C 68 -13.49 14.06 9.47
C ASP C 68 -12.87 14.52 8.15
N GLN C 69 -13.32 15.65 7.60
CA GLN C 69 -12.70 16.11 6.37
C GLN C 69 -11.24 16.39 6.64
N VAL C 70 -10.97 16.97 7.82
CA VAL C 70 -9.61 17.27 8.23
C VAL C 70 -8.80 15.99 8.37
N ILE C 71 -9.35 14.99 9.07
CA ILE C 71 -8.63 13.72 9.20
C ILE C 71 -8.31 13.13 7.83
N LEU C 72 -9.29 13.12 6.92
CA LEU C 72 -9.07 12.45 5.64
C LEU C 72 -8.00 13.15 4.80
N LEU C 73 -8.01 14.49 4.78
CA LEU C 73 -7.00 15.20 3.99
C LEU C 73 -5.63 15.12 4.65
N ARG C 74 -5.56 15.16 5.99
N ARG C 74 -5.55 15.17 5.98
CA ARG C 74 -4.28 14.99 6.65
CA ARG C 74 -4.25 14.99 6.62
C ARG C 74 -3.72 13.58 6.42
C ARG C 74 -3.71 13.58 6.35
N ALA C 75 -4.57 12.57 6.39
CA ALA C 75 -4.11 11.22 6.13
C ALA C 75 -3.80 10.95 4.65
N GLY C 76 -4.43 11.67 3.72
CA GLY C 76 -4.29 11.36 2.29
C GLY C 76 -3.53 12.34 1.39
N TRP C 77 -3.27 13.58 1.85
CA TRP C 77 -2.79 14.60 0.93
C TRP C 77 -1.57 14.11 0.14
N ASN C 78 -0.65 13.42 0.79
CA ASN C 78 0.62 13.09 0.16
C ASN C 78 0.41 12.12 -0.98
N GLU C 79 -0.33 11.04 -0.73
CA GLU C 79 -0.59 10.11 -1.84
C GLU C 79 -1.44 10.79 -2.90
N LEU C 80 -2.37 11.63 -2.48
CA LEU C 80 -3.21 12.36 -3.43
C LEU C 80 -2.35 13.19 -4.38
N LEU C 81 -1.35 13.90 -3.84
CA LEU C 81 -0.50 14.72 -4.70
C LEU C 81 0.46 13.87 -5.52
N ILE C 82 0.99 12.80 -4.94
CA ILE C 82 1.89 11.91 -5.68
C ILE C 82 1.16 11.29 -6.87
N ALA C 83 -0.09 10.88 -6.65
CA ALA C 83 -0.86 10.36 -7.78
C ALA C 83 -0.98 11.41 -8.87
N SER C 84 -1.23 12.66 -8.50
CA SER C 84 -1.45 13.69 -9.52
C SER C 84 -0.17 14.00 -10.28
N PHE C 85 0.97 14.17 -9.59
CA PHE C 85 2.13 14.54 -10.39
C PHE C 85 2.61 13.35 -11.19
N SER C 86 2.36 12.14 -10.71
CA SER C 86 2.72 10.97 -11.51
C SER C 86 1.92 10.94 -12.82
N HIS C 87 0.61 11.14 -12.73
CA HIS C 87 -0.18 11.10 -13.97
C HIS C 87 0.19 12.26 -14.89
N ARG C 88 0.47 13.43 -14.31
CA ARG C 88 0.84 14.60 -15.11
C ARG C 88 2.10 14.34 -15.90
N SER C 89 2.97 13.47 -15.39
CA SER C 89 4.28 13.18 -15.96
C SER C 89 4.26 12.16 -17.09
N ILE C 90 3.09 11.63 -17.47
CA ILE C 90 3.03 10.64 -18.55
C ILE C 90 3.70 11.17 -19.81
N ALA C 91 3.69 12.48 -20.01
CA ALA C 91 4.23 13.08 -21.22
C ALA C 91 5.73 13.24 -21.15
N VAL C 92 6.29 13.39 -19.95
CA VAL C 92 7.69 13.72 -19.81
C VAL C 92 8.55 12.53 -20.18
N LYS C 93 9.62 12.78 -20.93
CA LYS C 93 10.65 11.78 -21.19
C LYS C 93 11.48 11.58 -19.92
N ASP C 94 11.37 10.42 -19.31
CA ASP C 94 12.21 10.02 -18.18
C ASP C 94 12.34 11.15 -17.15
N GLY C 95 11.21 11.57 -16.61
CA GLY C 95 11.24 12.61 -15.60
C GLY C 95 9.90 12.90 -14.98
N ILE C 96 9.93 13.82 -14.03
CA ILE C 96 8.75 14.29 -13.31
C ILE C 96 8.45 15.71 -13.72
N LEU C 97 7.17 16.02 -13.86
CA LEU C 97 6.70 17.38 -14.10
C LEU C 97 6.07 17.87 -12.80
N LEU C 98 6.81 18.70 -12.05
CA LEU C 98 6.26 19.30 -10.84
C LEU C 98 5.23 20.35 -11.18
N ALA C 99 4.41 20.72 -10.19
CA ALA C 99 3.45 21.77 -10.49
C ALA C 99 4.11 23.14 -10.64
N THR C 100 5.39 23.32 -10.22
CA THR C 100 6.12 24.56 -10.44
C THR C 100 6.61 24.68 -11.87
N GLY C 101 6.28 23.71 -12.73
CA GLY C 101 6.76 23.67 -14.08
C GLY C 101 8.14 23.10 -14.24
N LEU C 102 8.84 22.79 -13.15
CA LEU C 102 10.17 22.23 -13.26
C LEU C 102 10.10 20.74 -13.57
N HIS C 103 10.90 20.33 -14.55
CA HIS C 103 11.05 18.93 -14.96
C HIS C 103 12.21 18.33 -14.19
N VAL C 104 11.91 17.47 -13.22
CA VAL C 104 13.00 16.75 -12.56
C VAL C 104 13.37 15.56 -13.44
N HIS C 105 14.61 15.51 -13.88
CA HIS C 105 15.15 14.37 -14.64
C HIS C 105 16.11 13.59 -13.74
N ARG C 106 16.63 12.48 -14.28
CA ARG C 106 17.27 11.50 -13.41
CA ARG C 106 17.28 11.49 -13.43
C ARG C 106 18.55 12.04 -12.78
N ASN C 107 19.45 12.60 -13.59
CA ASN C 107 20.71 13.10 -13.04
C ASN C 107 20.47 14.15 -11.95
N SER C 108 19.53 15.07 -12.18
CA SER C 108 19.30 16.09 -11.17
C SER C 108 18.73 15.45 -9.90
N ALA C 109 17.80 14.52 -10.04
CA ALA C 109 17.19 13.89 -8.87
C ALA C 109 18.23 13.16 -8.03
N HIS C 110 19.10 12.38 -8.68
CA HIS C 110 20.19 11.76 -7.95
C HIS C 110 21.14 12.78 -7.34
N SER C 111 21.44 13.88 -8.06
CA SER C 111 22.33 14.87 -7.46
C SER C 111 21.72 15.51 -6.22
N ALA C 112 20.40 15.48 -6.09
CA ALA C 112 19.67 16.16 -5.01
C ALA C 112 19.39 15.25 -3.82
N GLY C 113 19.75 13.97 -3.92
CA GLY C 113 19.48 13.03 -2.84
C GLY C 113 18.13 12.34 -2.92
N VAL C 114 17.38 12.50 -4.03
CA VAL C 114 16.10 11.78 -4.15
C VAL C 114 16.15 10.83 -5.34
N GLY C 115 17.32 10.26 -5.59
CA GLY C 115 17.47 9.42 -6.76
C GLY C 115 16.64 8.15 -6.69
N ALA C 116 16.62 7.49 -5.54
CA ALA C 116 16.02 6.16 -5.49
C ALA C 116 14.50 6.26 -5.62
N ILE C 117 13.91 7.30 -5.04
CA ILE C 117 12.46 7.43 -5.14
C ILE C 117 12.10 7.92 -6.54
N PHE C 118 12.95 8.74 -7.15
CA PHE C 118 12.75 9.07 -8.54
C PHE C 118 12.58 7.82 -9.37
N ASP C 119 13.51 6.86 -9.21
CA ASP C 119 13.47 5.65 -10.02
C ASP C 119 12.19 4.84 -9.77
N ARG C 120 11.78 4.73 -8.50
CA ARG C 120 10.56 4.00 -8.16
C ARG C 120 9.32 4.67 -8.73
N VAL C 121 9.25 6.00 -8.64
CA VAL C 121 8.07 6.70 -9.14
C VAL C 121 7.90 6.45 -10.63
N LEU C 122 8.98 6.52 -11.40
CA LEU C 122 8.90 6.24 -12.82
C LEU C 122 8.54 4.79 -13.10
N THR C 123 9.18 3.84 -12.42
CA THR C 123 8.93 2.44 -12.79
C THR C 123 7.60 1.95 -12.24
N GLU C 124 7.23 2.38 -11.02
CA GLU C 124 6.05 1.80 -10.40
C GLU C 124 4.77 2.58 -10.65
N LEU C 125 4.86 3.88 -10.97
CA LEU C 125 3.68 4.71 -11.20
C LEU C 125 3.65 5.32 -12.61
N VAL C 126 4.58 6.22 -12.96
CA VAL C 126 4.45 6.98 -14.22
C VAL C 126 4.39 6.03 -15.40
N SER C 127 5.37 5.14 -15.52
CA SER C 127 5.41 4.33 -16.74
C SER C 127 4.23 3.35 -16.82
N LYS C 128 3.78 2.83 -15.66
CA LYS C 128 2.59 1.96 -15.66
C LYS C 128 1.36 2.76 -16.04
N MET C 129 1.21 3.97 -15.48
CA MET C 129 0.13 4.85 -15.93
C MET C 129 0.22 5.13 -17.42
N ARG C 130 1.44 5.37 -17.92
N ARG C 130 1.44 5.37 -17.92
CA ARG C 130 1.64 5.65 -19.34
CA ARG C 130 1.57 5.66 -19.35
C ARG C 130 1.28 4.45 -20.19
C ARG C 130 1.23 4.44 -20.19
N ASP C 131 1.71 3.25 -19.78
CA ASP C 131 1.56 2.08 -20.63
C ASP C 131 0.11 1.63 -20.72
N MET C 132 -0.67 1.84 -19.67
CA MET C 132 -2.07 1.45 -19.76
C MET C 132 -2.94 2.60 -20.22
N GLN C 133 -2.39 3.81 -20.36
CA GLN C 133 -3.15 4.96 -20.83
C GLN C 133 -4.25 5.32 -19.83
N MET C 134 -3.91 5.21 -18.54
CA MET C 134 -4.81 5.62 -17.48
C MET C 134 -5.36 7.01 -17.81
N ASP C 135 -6.68 7.14 -17.83
CA ASP C 135 -7.25 8.43 -18.19
C ASP C 135 -7.61 9.21 -16.93
N LYS C 136 -8.04 10.46 -17.12
CA LYS C 136 -8.26 11.34 -15.98
C LYS C 136 -9.47 10.92 -15.14
N THR C 137 -10.48 10.27 -15.73
CA THR C 137 -11.56 9.71 -14.91
C THR C 137 -11.02 8.64 -13.97
N GLU C 138 -10.15 7.78 -14.49
CA GLU C 138 -9.55 6.71 -13.69
C GLU C 138 -8.64 7.28 -12.60
N LEU C 139 -7.76 8.20 -12.96
CA LEU C 139 -7.00 8.93 -11.95
C LEU C 139 -7.91 9.49 -10.87
N GLY C 140 -8.95 10.22 -11.26
CA GLY C 140 -9.79 10.89 -10.26
C GLY C 140 -10.51 9.92 -9.34
N CYS C 141 -11.00 8.81 -9.89
CA CYS C 141 -11.60 7.77 -9.05
C CYS C 141 -10.59 7.15 -8.10
N LEU C 142 -9.39 6.83 -8.57
CA LEU C 142 -8.38 6.34 -7.63
C LEU C 142 -8.07 7.36 -6.53
N ARG C 143 -7.98 8.64 -6.88
CA ARG C 143 -7.70 9.63 -5.85
C ARG C 143 -8.88 9.74 -4.89
N ALA C 144 -10.10 9.72 -5.41
CA ALA C 144 -11.28 9.71 -4.54
C ALA C 144 -11.24 8.50 -3.59
N ILE C 145 -10.81 7.35 -4.08
CA ILE C 145 -10.68 6.18 -3.21
C ILE C 145 -9.69 6.46 -2.08
N VAL C 146 -8.55 7.08 -2.39
CA VAL C 146 -7.54 7.38 -1.37
C VAL C 146 -8.07 8.42 -0.39
N LEU C 147 -8.77 9.42 -0.90
CA LEU C 147 -9.38 10.43 -0.04
C LEU C 147 -10.29 9.77 0.99
N PHE C 148 -11.23 8.94 0.49
CA PHE C 148 -12.19 8.22 1.34
C PHE C 148 -11.51 6.99 1.95
N ASN C 149 -10.45 7.26 2.73
CA ASN C 149 -9.69 6.20 3.39
C ASN C 149 -10.29 5.85 4.74
N PRO C 150 -11.00 4.72 4.85
CA PRO C 150 -11.61 4.36 6.14
C PRO C 150 -10.62 3.92 7.21
N ASP C 151 -9.37 3.64 6.85
CA ASP C 151 -8.34 3.31 7.83
C ASP C 151 -7.83 4.53 8.59
N SER C 152 -8.18 5.74 8.17
CA SER C 152 -7.66 6.97 8.80
C SER C 152 -8.01 6.97 10.28
N LYS C 153 -7.12 7.50 11.12
CA LYS C 153 -7.35 7.34 12.55
C LYS C 153 -8.17 8.51 13.08
N GLY C 154 -9.14 8.19 13.93
CA GLY C 154 -9.94 9.19 14.61
C GLY C 154 -11.25 9.55 13.94
N LEU C 155 -11.58 8.96 12.80
CA LEU C 155 -12.84 9.27 12.12
C LEU C 155 -14.02 9.05 13.05
N SER C 156 -14.99 9.97 13.00
CA SER C 156 -16.19 9.82 13.80
C SER C 156 -17.09 8.71 13.28
N ASN C 157 -17.01 8.36 11.99
CA ASN C 157 -17.86 7.30 11.43
C ASN C 157 -17.12 6.64 10.28
N PRO C 158 -16.20 5.72 10.58
CA PRO C 158 -15.43 5.08 9.50
C PRO C 158 -16.33 4.40 8.49
N ALA C 159 -17.56 4.02 8.89
CA ALA C 159 -18.44 3.27 8.00
C ALA C 159 -18.96 4.14 6.86
N GLU C 160 -19.34 5.38 7.16
N GLU C 160 -19.37 5.37 7.16
CA GLU C 160 -19.81 6.25 6.08
CA GLU C 160 -19.79 6.25 6.08
C GLU C 160 -18.68 6.59 5.12
C GLU C 160 -18.65 6.51 5.11
N VAL C 161 -17.44 6.74 5.63
CA VAL C 161 -16.30 6.90 4.72
C VAL C 161 -16.09 5.62 3.92
N GLU C 162 -16.18 4.47 4.57
CA GLU C 162 -16.05 3.22 3.83
C GLU C 162 -17.13 3.10 2.77
N ALA C 163 -18.38 3.48 3.13
CA ALA C 163 -19.46 3.42 2.14
C ALA C 163 -19.20 4.33 0.96
N LEU C 164 -18.68 5.53 1.21
CA LEU C 164 -18.34 6.42 0.10
C LEU C 164 -17.24 5.83 -0.78
N ARG C 165 -16.20 5.28 -0.16
CA ARG C 165 -15.18 4.55 -0.92
C ARG C 165 -15.81 3.47 -1.79
N GLU C 166 -16.73 2.69 -1.24
CA GLU C 166 -17.36 1.63 -2.02
C GLU C 166 -18.08 2.20 -3.23
N LYS C 167 -18.82 3.31 -3.04
CA LYS C 167 -19.50 3.91 -4.17
C LYS C 167 -18.52 4.33 -5.25
N VAL C 168 -17.37 4.91 -4.87
CA VAL C 168 -16.37 5.30 -5.86
C VAL C 168 -15.92 4.09 -6.69
N TYR C 169 -15.42 3.04 -6.03
CA TYR C 169 -14.91 1.97 -6.88
C TYR C 169 -16.02 1.20 -7.59
N ALA C 170 -17.26 1.23 -7.09
CA ALA C 170 -18.35 0.70 -7.90
C ALA C 170 -18.50 1.49 -9.19
N SER C 171 -18.53 2.82 -9.08
CA SER C 171 -18.69 3.65 -10.28
C SER C 171 -17.49 3.50 -11.20
N LEU C 172 -16.30 3.35 -10.61
CA LEU C 172 -15.07 3.18 -11.37
C LEU C 172 -15.11 1.91 -12.18
N GLU C 173 -15.43 0.79 -11.53
CA GLU C 173 -15.51 -0.47 -12.25
C GLU C 173 -16.49 -0.37 -13.41
N ALA C 174 -17.67 0.20 -13.17
CA ALA C 174 -18.66 0.27 -14.24
C ALA C 174 -18.16 1.14 -15.39
N TYR C 175 -17.44 2.22 -15.05
CA TYR C 175 -16.83 3.06 -16.07
C TYR C 175 -15.83 2.27 -16.91
N CYS C 176 -14.94 1.53 -16.26
CA CYS C 176 -13.93 0.77 -17.00
C CYS C 176 -14.57 -0.28 -17.88
N LYS C 177 -15.52 -1.03 -17.34
CA LYS C 177 -16.14 -2.08 -18.14
C LYS C 177 -16.93 -1.47 -19.30
N HIS C 178 -17.56 -0.32 -19.09
CA HIS C 178 -18.25 0.35 -20.18
C HIS C 178 -17.30 1.05 -21.16
N LYS C 179 -16.16 1.56 -20.70
CA LYS C 179 -15.26 2.25 -21.63
C LYS C 179 -14.18 1.38 -22.25
N TYR C 180 -13.68 0.37 -21.54
CA TYR C 180 -12.59 -0.46 -22.03
C TYR C 180 -13.06 -1.92 -22.03
N PRO C 181 -14.17 -2.20 -22.73
CA PRO C 181 -14.79 -3.53 -22.64
C PRO C 181 -13.82 -4.64 -22.94
N GLU C 182 -12.79 -4.37 -23.73
CA GLU C 182 -11.83 -5.40 -24.13
C GLU C 182 -10.79 -5.69 -23.05
N GLN C 183 -10.81 -4.99 -21.91
CA GLN C 183 -9.79 -5.17 -20.87
C GLN C 183 -10.51 -5.52 -19.57
N PRO C 184 -10.89 -6.78 -19.39
CA PRO C 184 -11.60 -7.15 -18.14
C PRO C 184 -10.78 -6.98 -16.88
N GLY C 185 -9.46 -7.10 -16.95
CA GLY C 185 -8.67 -6.89 -15.76
C GLY C 185 -8.28 -5.45 -15.49
N ARG C 186 -8.82 -4.49 -16.25
CA ARG C 186 -8.34 -3.12 -16.12
C ARG C 186 -8.68 -2.55 -14.74
N PHE C 187 -9.86 -2.85 -14.22
CA PHE C 187 -10.26 -2.31 -12.92
C PHE C 187 -9.35 -2.84 -11.81
N ALA C 188 -9.10 -4.15 -11.79
CA ALA C 188 -8.16 -4.70 -10.82
C ALA C 188 -6.78 -4.05 -10.96
N LYS C 189 -6.33 -3.84 -12.21
CA LYS C 189 -5.01 -3.26 -12.44
C LYS C 189 -4.91 -1.86 -11.85
N LEU C 190 -5.97 -1.07 -11.99
CA LEU C 190 -5.99 0.25 -11.36
C LEU C 190 -5.83 0.12 -9.86
N LEU C 191 -6.64 -0.73 -9.24
CA LEU C 191 -6.57 -0.87 -7.80
C LEU C 191 -5.18 -1.30 -7.34
N LEU C 192 -4.54 -2.22 -8.10
CA LEU C 192 -3.28 -2.80 -7.67
C LEU C 192 -2.14 -1.87 -7.82
N ARG C 193 -2.41 -0.62 -8.16
CA ARG C 193 -1.35 0.37 -8.17
C ARG C 193 -1.36 1.17 -6.84
N LEU C 194 -2.35 0.95 -5.99
CA LEU C 194 -2.42 1.65 -4.72
C LEU C 194 -1.40 1.18 -3.69
N PRO C 195 -1.02 -0.13 -3.64
CA PRO C 195 0.10 -0.50 -2.75
C PRO C 195 1.38 0.25 -3.09
N ALA C 196 1.74 0.32 -4.38
CA ALA C 196 2.89 1.13 -4.76
C ALA C 196 2.72 2.58 -4.30
N LEU C 197 1.54 3.16 -4.53
CA LEU C 197 1.30 4.54 -4.09
C LEU C 197 1.53 4.69 -2.58
N ARG C 198 1.11 3.69 -1.81
CA ARG C 198 1.30 3.70 -0.35
C ARG C 198 2.78 3.71 0.03
N SER C 199 3.58 2.81 -0.52
CA SER C 199 4.97 2.83 -0.05
C SER C 199 5.78 3.97 -0.66
N ILE C 200 5.44 4.42 -1.86
CA ILE C 200 6.08 5.63 -2.38
C ILE C 200 5.71 6.86 -1.55
N GLY C 201 4.45 6.94 -1.08
CA GLY C 201 4.08 8.06 -0.23
C GLY C 201 4.90 8.10 1.04
N LEU C 202 5.12 6.94 1.65
CA LEU C 202 5.91 6.86 2.89
C LEU C 202 7.35 7.30 2.68
N LYS C 203 7.93 6.93 1.53
CA LYS C 203 9.31 7.33 1.25
CA LYS C 203 9.31 7.32 1.21
C LYS C 203 9.40 8.82 0.95
N CYS C 204 8.46 9.36 0.17
CA CYS C 204 8.42 10.80 -0.04
C CYS C 204 8.25 11.55 1.28
N LEU C 205 7.36 11.07 2.14
CA LEU C 205 7.17 11.73 3.43
C LEU C 205 8.45 11.71 4.24
N GLU C 206 9.14 10.57 4.26
CA GLU C 206 10.43 10.48 4.94
C GLU C 206 11.43 11.52 4.42
N HIS C 207 11.46 11.73 3.10
CA HIS C 207 12.28 12.83 2.57
C HIS C 207 11.86 14.17 3.14
N LEU C 208 10.55 14.49 3.09
CA LEU C 208 10.09 15.75 3.67
C LEU C 208 10.57 15.96 5.08
N PHE C 209 10.41 14.95 5.94
CA PHE C 209 10.85 15.15 7.30
C PHE C 209 12.34 15.44 7.37
N PHE C 210 13.13 14.82 6.51
CA PHE C 210 14.55 15.15 6.51
C PHE C 210 14.79 16.54 5.96
N PHE C 211 14.07 16.93 4.90
CA PHE C 211 14.13 18.32 4.44
C PHE C 211 13.82 19.30 5.57
N LYS C 212 12.77 19.00 6.34
CA LYS C 212 12.42 19.84 7.48
C LYS C 212 13.55 19.88 8.51
N LEU C 213 14.05 18.71 8.90
CA LEU C 213 15.12 18.68 9.90
C LEU C 213 16.28 19.58 9.51
N ILE C 214 16.69 19.54 8.25
CA ILE C 214 17.89 20.27 7.83
C ILE C 214 17.59 21.67 7.35
N GLY C 215 16.32 22.08 7.35
CA GLY C 215 16.00 23.46 7.02
C GLY C 215 15.72 23.77 5.57
N ASP C 216 15.58 22.75 4.72
CA ASP C 216 15.22 23.01 3.32
C ASP C 216 13.77 23.42 3.13
N THR C 217 12.89 23.10 4.07
CA THR C 217 11.49 23.45 3.88
C THR C 217 11.23 24.89 4.33
N PRO C 218 10.59 25.70 3.51
CA PRO C 218 10.18 27.03 4.00
C PRO C 218 9.29 26.87 5.23
N ILE C 219 9.44 27.76 6.20
CA ILE C 219 8.64 27.66 7.42
C ILE C 219 7.30 28.35 7.23
N ASP C 220 6.36 28.02 8.11
CA ASP C 220 5.09 28.74 8.26
C ASP C 220 4.15 28.54 7.07
N THR C 221 4.23 27.38 6.44
CA THR C 221 3.45 27.07 5.26
C THR C 221 2.37 26.05 5.58
N PHE C 222 1.44 25.89 4.63
CA PHE C 222 0.47 24.81 4.72
C PHE C 222 1.16 23.44 4.68
N LEU C 223 2.24 23.32 3.91
CA LEU C 223 3.01 22.07 3.94
C LEU C 223 3.59 21.82 5.35
N MET C 224 4.15 22.85 5.98
N MET C 224 4.17 22.85 5.97
CA MET C 224 4.68 22.64 7.32
CA MET C 224 4.67 22.67 7.33
C MET C 224 3.58 22.25 8.29
C MET C 224 3.56 22.20 8.26
N GLU C 225 2.36 22.76 8.10
CA GLU C 225 1.28 22.35 8.98
C GLU C 225 0.96 20.87 8.82
N MET C 226 0.98 20.36 7.59
CA MET C 226 0.74 18.94 7.40
C MET C 226 1.80 18.10 8.10
N LEU C 227 3.04 18.59 8.13
CA LEU C 227 4.12 17.88 8.81
C LEU C 227 4.11 18.04 10.32
N GLU C 228 3.52 19.11 10.83
CA GLU C 228 3.58 19.36 12.28
C GLU C 228 2.30 18.97 13.03
N ALA C 229 1.15 18.97 12.37
CA ALA C 229 -0.14 18.81 13.03
C ALA C 229 -0.20 17.62 14.00
N LYS D 1 -1.65 25.57 17.03
CA LYS D 1 -2.58 26.30 16.16
C LYS D 1 -3.00 25.38 14.99
N HIS D 2 -2.30 25.47 13.85
CA HIS D 2 -2.45 24.47 12.80
C HIS D 2 -3.89 24.36 12.28
N LYS D 3 -4.46 25.51 11.91
CA LYS D 3 -5.84 25.56 11.42
C LYS D 3 -5.93 26.07 9.99
N ILE D 4 -4.82 26.12 9.25
CA ILE D 4 -4.90 26.48 7.84
C ILE D 4 -5.94 25.61 7.13
N LEU D 5 -5.88 24.30 7.34
CA LEU D 5 -6.79 23.41 6.65
C LEU D 5 -8.24 23.67 7.06
N HIS D 6 -8.52 23.75 8.37
CA HIS D 6 -9.86 24.06 8.84
C HIS D 6 -10.44 25.30 8.15
N ARG D 7 -9.67 26.40 8.11
CA ARG D 7 -10.27 27.63 7.58
C ARG D 7 -10.56 27.49 6.09
N LEU D 8 -9.66 26.82 5.35
CA LEU D 8 -9.90 26.60 3.92
C LEU D 8 -11.14 25.73 3.69
N LEU D 9 -11.34 24.70 4.51
CA LEU D 9 -12.54 23.86 4.36
C LEU D 9 -13.81 24.63 4.62
N GLN D 10 -13.74 25.63 5.50
CA GLN D 10 -14.91 26.36 5.95
C GLN D 10 -15.36 27.42 4.95
N ASP D 11 -14.61 27.61 3.86
CA ASP D 11 -15.04 28.44 2.73
C ASP D 11 -14.56 29.88 2.87
#